data_2M6J
#
_entry.id   2M6J
#
_entity_poly.entity_id   1
_entity_poly.type   'polypeptide(L)'
_entity_poly.pdbx_seq_one_letter_code
;IKSCETFIVACDGGKACREVKCKTI(NH2)
;
_entity_poly.pdbx_strand_id   A
#
# COMPACT_ATOMS: atom_id res chain seq x y z
N ILE A 1 -18.88 6.03 -1.27
CA ILE A 1 -17.71 5.51 -1.99
C ILE A 1 -16.50 5.44 -1.07
N LYS A 2 -15.66 4.44 -1.29
CA LYS A 2 -14.46 4.24 -0.49
C LYS A 2 -13.20 4.52 -1.31
N SER A 3 -12.16 5.02 -0.65
CA SER A 3 -10.90 5.32 -1.32
C SER A 3 -9.86 4.25 -1.03
N CYS A 4 -9.01 3.99 -2.02
CA CYS A 4 -7.96 2.98 -1.89
C CYS A 4 -6.69 3.41 -2.60
N GLU A 5 -5.55 3.03 -2.04
CA GLU A 5 -4.26 3.38 -2.62
C GLU A 5 -3.16 2.42 -2.17
N THR A 6 -2.09 2.33 -2.94
CA THR A 6 -0.99 1.44 -2.63
C THR A 6 0.28 2.23 -2.31
N PHE A 7 1.16 1.64 -1.50
CA PHE A 7 2.41 2.29 -1.13
C PHE A 7 3.59 1.35 -1.33
N ILE A 8 4.80 1.91 -1.30
CA ILE A 8 6.00 1.13 -1.47
C ILE A 8 6.71 0.88 -0.14
N VAL A 9 6.87 -0.39 0.22
CA VAL A 9 7.53 -0.75 1.46
C VAL A 9 8.47 -1.93 1.26
N ALA A 10 9.39 -2.12 2.21
CA ALA A 10 10.36 -3.20 2.13
C ALA A 10 9.74 -4.52 2.59
N CYS A 11 9.14 -5.24 1.65
CA CYS A 11 8.51 -6.51 1.96
C CYS A 11 9.57 -7.59 2.24
N ASP A 12 10.74 -7.42 1.65
CA ASP A 12 11.84 -8.37 1.83
C ASP A 12 13.01 -7.72 2.57
N GLY A 13 12.73 -6.62 3.25
CA GLY A 13 13.76 -5.92 3.99
C GLY A 13 14.48 -4.88 3.15
N GLY A 14 14.27 -4.95 1.83
CA GLY A 14 14.90 -4.01 0.93
C GLY A 14 14.48 -4.21 -0.50
N LYS A 15 13.22 -4.60 -0.71
CA LYS A 15 12.70 -4.83 -2.05
C LYS A 15 11.53 -3.89 -2.33
N ALA A 16 10.91 -4.06 -3.50
CA ALA A 16 9.78 -3.23 -3.89
C ALA A 16 8.47 -3.99 -3.70
N CYS A 17 7.58 -3.42 -2.87
CA CYS A 17 6.29 -4.04 -2.61
C CYS A 17 5.15 -3.09 -2.93
N ARG A 18 3.99 -3.64 -3.25
CA ARG A 18 2.83 -2.83 -3.59
C ARG A 18 1.66 -3.16 -2.67
N GLU A 19 1.79 -2.80 -1.39
CA GLU A 19 0.75 -3.07 -0.42
C GLU A 19 -0.41 -2.09 -0.58
N VAL A 20 -1.57 -2.60 -1.00
CA VAL A 20 -2.75 -1.77 -1.20
C VAL A 20 -3.54 -1.63 0.10
N LYS A 21 -4.20 -0.49 0.26
CA LYS A 21 -5.01 -0.23 1.45
C LYS A 21 -6.23 0.60 1.10
N CYS A 22 -7.27 0.48 1.92
CA CYS A 22 -8.51 1.21 1.71
C CYS A 22 -8.92 1.98 2.97
N LYS A 23 -9.57 3.12 2.77
CA LYS A 23 -10.02 3.95 3.89
C LYS A 23 -11.34 4.64 3.57
N THR A 24 -12.01 5.12 4.60
CA THR A 24 -13.29 5.80 4.42
C THR A 24 -13.09 7.24 3.97
N ILE A 25 -14.06 7.76 3.24
CA ILE A 25 -14.00 9.13 2.73
C ILE A 25 -15.06 10.01 3.39
N ILE A 1 -18.59 6.29 -1.49
CA ILE A 1 -17.43 5.83 -2.24
C ILE A 1 -16.22 5.63 -1.33
N LYS A 2 -15.42 4.62 -1.63
CA LYS A 2 -14.23 4.32 -0.84
C LYS A 2 -12.97 4.69 -1.61
N SER A 3 -11.91 5.03 -0.88
CA SER A 3 -10.64 5.40 -1.48
C SER A 3 -9.58 4.33 -1.23
N CYS A 4 -8.94 3.87 -2.29
CA CYS A 4 -7.91 2.84 -2.18
C CYS A 4 -6.63 3.30 -2.88
N GLU A 5 -5.49 2.90 -2.32
CA GLU A 5 -4.20 3.26 -2.89
C GLU A 5 -3.10 2.33 -2.38
N THR A 6 -2.01 2.24 -3.14
CA THR A 6 -0.89 1.39 -2.78
C THR A 6 0.35 2.20 -2.47
N PHE A 7 1.23 1.65 -1.63
CA PHE A 7 2.46 2.34 -1.26
C PHE A 7 3.66 1.41 -1.39
N ILE A 8 4.85 1.98 -1.36
CA ILE A 8 6.08 1.19 -1.47
C ILE A 8 6.75 1.02 -0.11
N VAL A 9 6.93 -0.23 0.29
CA VAL A 9 7.56 -0.53 1.58
C VAL A 9 8.55 -1.69 1.44
N ALA A 10 9.44 -1.82 2.42
CA ALA A 10 10.43 -2.89 2.41
C ALA A 10 9.83 -4.21 2.89
N CYS A 11 9.28 -4.97 1.94
CA CYS A 11 8.67 -6.26 2.26
C CYS A 11 9.74 -7.32 2.51
N ASP A 12 10.80 -7.28 1.71
CA ASP A 12 11.89 -8.25 1.85
C ASP A 12 13.10 -7.60 2.52
N GLY A 13 12.84 -6.60 3.35
CA GLY A 13 13.91 -5.91 4.05
C GLY A 13 14.55 -4.83 3.21
N GLY A 14 13.87 -4.45 2.13
CA GLY A 14 14.39 -3.42 1.26
C GLY A 14 13.85 -3.53 -0.16
N LYS A 15 13.34 -4.71 -0.50
CA LYS A 15 12.79 -4.94 -1.84
C LYS A 15 11.61 -4.01 -2.11
N ALA A 16 11.03 -4.14 -3.29
CA ALA A 16 9.90 -3.31 -3.68
C ALA A 16 8.58 -4.03 -3.43
N CYS A 17 7.69 -3.41 -2.68
CA CYS A 17 6.39 -3.99 -2.36
C CYS A 17 5.25 -3.05 -2.76
N ARG A 18 4.08 -3.62 -3.03
CA ARG A 18 2.93 -2.82 -3.42
C ARG A 18 1.73 -3.13 -2.52
N GLU A 19 1.84 -2.76 -1.25
CA GLU A 19 0.77 -2.99 -0.29
C GLU A 19 -0.36 -2.00 -0.49
N VAL A 20 -1.54 -2.51 -0.85
CA VAL A 20 -2.71 -1.68 -1.07
C VAL A 20 -3.52 -1.51 0.20
N LYS A 21 -4.19 -0.36 0.33
CA LYS A 21 -4.99 -0.08 1.51
C LYS A 21 -6.19 0.81 1.14
N CYS A 22 -7.32 0.56 1.79
CA CYS A 22 -8.53 1.34 1.54
C CYS A 22 -9.00 2.04 2.81
N LYS A 23 -9.60 3.22 2.64
CA LYS A 23 -10.10 3.99 3.77
C LYS A 23 -11.36 4.74 3.40
N THR A 24 -12.25 4.92 4.38
CA THR A 24 -13.51 5.62 4.15
C THR A 24 -13.31 7.14 4.21
N ILE A 25 -13.81 7.83 3.19
CA ILE A 25 -13.68 9.28 3.14
C ILE A 25 -14.89 9.97 3.77
N ILE A 1 -18.62 5.92 -1.21
CA ILE A 1 -17.44 5.49 -1.95
C ILE A 1 -16.21 5.42 -1.04
N LYS A 2 -15.32 4.49 -1.33
CA LYS A 2 -14.11 4.31 -0.55
C LYS A 2 -12.87 4.61 -1.39
N SER A 3 -11.82 5.10 -0.74
CA SER A 3 -10.58 5.43 -1.42
C SER A 3 -9.49 4.41 -1.11
N CYS A 4 -8.89 3.83 -2.15
CA CYS A 4 -7.84 2.84 -1.99
C CYS A 4 -6.63 3.20 -2.83
N GLU A 5 -5.44 2.95 -2.29
CA GLU A 5 -4.20 3.24 -3.00
C GLU A 5 -3.07 2.32 -2.51
N THR A 6 -2.03 2.21 -3.33
CA THR A 6 -0.89 1.37 -2.99
C THR A 6 0.34 2.21 -2.66
N PHE A 7 1.22 1.66 -1.82
CA PHE A 7 2.43 2.37 -1.43
C PHE A 7 3.66 1.46 -1.55
N ILE A 8 4.84 2.06 -1.50
CA ILE A 8 6.09 1.31 -1.61
C ILE A 8 6.73 1.12 -0.24
N VAL A 9 6.91 -0.13 0.16
CA VAL A 9 7.53 -0.44 1.44
C VAL A 9 8.52 -1.60 1.31
N ALA A 10 9.39 -1.73 2.30
CA ALA A 10 10.40 -2.79 2.31
C ALA A 10 9.79 -4.11 2.77
N CYS A 11 9.26 -4.88 1.83
CA CYS A 11 8.66 -6.17 2.14
C CYS A 11 9.72 -7.21 2.44
N ASP A 12 10.81 -7.17 1.68
CA ASP A 12 11.90 -8.12 1.86
C ASP A 12 13.07 -7.46 2.59
N GLY A 13 12.77 -6.47 3.42
CA GLY A 13 13.80 -5.77 4.16
C GLY A 13 14.47 -4.70 3.33
N GLY A 14 13.83 -4.31 2.23
CA GLY A 14 14.38 -3.28 1.38
C GLY A 14 13.90 -3.39 -0.06
N LYS A 15 13.40 -4.57 -0.42
CA LYS A 15 12.90 -4.80 -1.77
C LYS A 15 11.73 -3.88 -2.08
N ALA A 16 11.17 -4.02 -3.28
CA ALA A 16 10.04 -3.20 -3.69
C ALA A 16 8.72 -3.94 -3.50
N CYS A 17 7.79 -3.33 -2.80
CA CYS A 17 6.48 -3.93 -2.55
C CYS A 17 5.36 -2.98 -2.92
N ARG A 18 4.20 -3.54 -3.25
CA ARG A 18 3.04 -2.74 -3.64
C ARG A 18 1.84 -3.06 -2.75
N GLU A 19 1.96 -2.78 -1.45
CA GLU A 19 0.90 -3.05 -0.51
C GLU A 19 -0.29 -2.10 -0.74
N VAL A 20 -1.49 -2.65 -0.71
CA VAL A 20 -2.70 -1.86 -0.91
C VAL A 20 -3.41 -1.58 0.42
N LYS A 21 -4.09 -0.44 0.48
CA LYS A 21 -4.81 -0.05 1.68
C LYS A 21 -6.08 0.73 1.33
N CYS A 22 -7.16 0.45 2.06
CA CYS A 22 -8.43 1.13 1.82
C CYS A 22 -8.86 1.93 3.06
N LYS A 23 -9.42 3.10 2.82
CA LYS A 23 -9.87 3.96 3.91
C LYS A 23 -11.16 4.70 3.53
N THR A 24 -12.03 4.90 4.51
CA THR A 24 -13.30 5.59 4.27
C THR A 24 -13.11 7.10 4.27
N ILE A 25 -13.85 7.78 3.40
CA ILE A 25 -13.77 9.23 3.30
C ILE A 25 -14.92 9.90 4.04
N ILE A 1 -18.74 5.97 -1.29
CA ILE A 1 -17.52 5.62 -2.01
C ILE A 1 -16.33 5.55 -1.08
N LYS A 2 -15.41 4.64 -1.38
CA LYS A 2 -14.21 4.46 -0.57
C LYS A 2 -12.96 4.76 -1.37
N SER A 3 -11.89 5.17 -0.69
CA SER A 3 -10.63 5.49 -1.34
C SER A 3 -9.58 4.43 -1.04
N CYS A 4 -8.92 3.94 -2.09
CA CYS A 4 -7.89 2.92 -1.93
C CYS A 4 -6.68 3.24 -2.80
N GLU A 5 -5.49 2.99 -2.27
CA GLU A 5 -4.26 3.25 -2.99
C GLU A 5 -3.13 2.34 -2.50
N THR A 6 -2.08 2.21 -3.31
CA THR A 6 -0.94 1.38 -2.95
C THR A 6 0.28 2.22 -2.61
N PHE A 7 1.16 1.68 -1.79
CA PHE A 7 2.37 2.38 -1.37
C PHE A 7 3.59 1.48 -1.50
N ILE A 8 4.77 2.07 -1.42
CA ILE A 8 6.02 1.33 -1.53
C ILE A 8 6.65 1.11 -0.16
N VAL A 9 6.84 -0.15 0.21
CA VAL A 9 7.43 -0.49 1.50
C VAL A 9 8.43 -1.64 1.35
N ALA A 10 9.30 -1.79 2.35
CA ALA A 10 10.31 -2.84 2.34
C ALA A 10 9.71 -4.17 2.80
N CYS A 11 9.18 -4.93 1.87
CA CYS A 11 8.57 -6.23 2.19
C CYS A 11 9.65 -7.27 2.47
N ASP A 12 10.75 -7.20 1.72
CA ASP A 12 11.86 -8.14 1.90
C ASP A 12 13.03 -7.47 2.63
N GLY A 13 12.71 -6.50 3.47
CA GLY A 13 13.74 -5.79 4.21
C GLY A 13 14.41 -4.71 3.39
N GLY A 14 13.77 -4.32 2.29
CA GLY A 14 14.33 -3.30 1.43
C GLY A 14 13.82 -3.40 0.00
N LYS A 15 13.31 -4.57 -0.37
CA LYS A 15 12.79 -4.80 -1.71
C LYS A 15 11.63 -3.84 -2.01
N ALA A 16 11.07 -3.96 -3.20
CA ALA A 16 9.96 -3.11 -3.62
C ALA A 16 8.63 -3.85 -3.48
N CYS A 17 7.75 -3.33 -2.64
CA CYS A 17 6.44 -3.94 -2.42
C CYS A 17 5.32 -2.98 -2.82
N ARG A 18 4.18 -3.53 -3.20
CA ARG A 18 3.04 -2.73 -3.60
C ARG A 18 1.82 -3.04 -2.73
N GLU A 19 1.93 -2.78 -1.43
CA GLU A 19 0.85 -3.03 -0.50
C GLU A 19 -0.31 -2.07 -0.75
N VAL A 20 -1.54 -2.59 -0.72
CA VAL A 20 -2.73 -1.79 -0.94
C VAL A 20 -3.47 -1.53 0.38
N LYS A 21 -4.14 -0.40 0.45
CA LYS A 21 -4.89 -0.02 1.66
C LYS A 21 -6.17 0.71 1.29
N CYS A 22 -7.19 0.56 2.14
CA CYS A 22 -8.48 1.21 1.91
C CYS A 22 -8.92 2.01 3.13
N LYS A 23 -9.51 3.17 2.90
CA LYS A 23 -9.98 4.02 3.99
C LYS A 23 -11.28 4.73 3.60
N THR A 24 -12.04 5.14 4.61
CA THR A 24 -13.30 5.82 4.38
C THR A 24 -13.12 7.33 4.34
N ILE A 25 -13.90 7.99 3.50
CA ILE A 25 -13.81 9.45 3.37
C ILE A 25 -14.92 10.14 4.15
N ILE A 1 -18.57 5.97 -1.36
CA ILE A 1 -17.41 5.45 -2.07
C ILE A 1 -16.20 5.38 -1.14
N LYS A 2 -15.36 4.37 -1.34
CA LYS A 2 -14.17 4.19 -0.52
C LYS A 2 -12.92 4.54 -1.32
N SER A 3 -11.90 5.05 -0.62
CA SER A 3 -10.65 5.43 -1.26
C SER A 3 -9.56 4.39 -1.01
N CYS A 4 -9.02 3.83 -2.07
CA CYS A 4 -7.97 2.82 -1.97
C CYS A 4 -6.73 3.24 -2.74
N GLU A 5 -5.56 2.91 -2.20
CA GLU A 5 -4.29 3.26 -2.83
C GLU A 5 -3.18 2.32 -2.38
N THR A 6 -2.13 2.24 -3.19
CA THR A 6 -0.99 1.38 -2.88
C THR A 6 0.23 2.19 -2.47
N PHE A 7 1.09 1.60 -1.66
CA PHE A 7 2.31 2.27 -1.21
C PHE A 7 3.53 1.37 -1.38
N ILE A 8 4.71 1.97 -1.28
CA ILE A 8 5.95 1.22 -1.41
C ILE A 8 6.59 0.95 -0.06
N VAL A 9 6.77 -0.33 0.26
CA VAL A 9 7.37 -0.72 1.54
C VAL A 9 8.35 -1.87 1.35
N ALA A 10 9.21 -2.08 2.33
CA ALA A 10 10.20 -3.16 2.27
C ALA A 10 9.58 -4.49 2.66
N CYS A 11 9.04 -5.20 1.67
CA CYS A 11 8.41 -6.49 1.91
C CYS A 11 9.45 -7.56 2.21
N ASP A 12 10.66 -7.35 1.69
CA ASP A 12 11.76 -8.29 1.90
C ASP A 12 12.88 -7.66 2.72
N GLY A 13 12.53 -6.60 3.46
CA GLY A 13 13.52 -5.93 4.28
C GLY A 13 14.23 -4.82 3.53
N GLY A 14 14.07 -4.81 2.21
CA GLY A 14 14.71 -3.80 1.39
C GLY A 14 14.39 -3.95 -0.08
N LYS A 15 13.18 -4.43 -0.37
CA LYS A 15 12.75 -4.61 -1.75
C LYS A 15 11.55 -3.72 -2.07
N ALA A 16 11.08 -3.80 -3.31
CA ALA A 16 9.93 -3.01 -3.73
C ALA A 16 8.64 -3.80 -3.62
N CYS A 17 7.66 -3.25 -2.90
CA CYS A 17 6.37 -3.91 -2.70
C CYS A 17 5.23 -2.96 -3.03
N ARG A 18 4.10 -3.53 -3.41
CA ARG A 18 2.92 -2.74 -3.75
C ARG A 18 1.73 -3.12 -2.87
N GLU A 19 1.82 -2.83 -1.58
CA GLU A 19 0.77 -3.15 -0.64
C GLU A 19 -0.39 -2.17 -0.79
N VAL A 20 -1.55 -2.68 -1.20
CA VAL A 20 -2.74 -1.86 -1.38
C VAL A 20 -3.50 -1.71 -0.07
N LYS A 21 -4.17 -0.58 0.10
CA LYS A 21 -4.95 -0.31 1.31
C LYS A 21 -6.24 0.43 0.97
N CYS A 22 -7.18 0.43 1.91
CA CYS A 22 -8.45 1.12 1.72
C CYS A 22 -8.86 1.88 2.97
N LYS A 23 -9.26 3.13 2.80
CA LYS A 23 -9.67 3.97 3.92
C LYS A 23 -10.95 4.74 3.58
N THR A 24 -11.55 5.35 4.59
CA THR A 24 -12.77 6.13 4.39
C THR A 24 -12.47 7.51 3.82
N ILE A 25 -13.43 8.07 3.10
CA ILE A 25 -13.26 9.39 2.51
C ILE A 25 -13.27 10.48 3.57
N ILE A 1 -18.54 6.64 -0.90
CA ILE A 1 -17.46 6.07 -1.69
C ILE A 1 -16.21 5.87 -0.85
N LYS A 2 -15.48 4.79 -1.12
CA LYS A 2 -14.25 4.48 -0.39
C LYS A 2 -13.03 4.74 -1.26
N SER A 3 -11.95 5.20 -0.63
CA SER A 3 -10.71 5.49 -1.34
C SER A 3 -9.67 4.40 -1.09
N CYS A 4 -8.81 4.19 -2.08
CA CYS A 4 -7.77 3.16 -1.97
C CYS A 4 -6.49 3.62 -2.66
N GLU A 5 -5.34 3.28 -2.07
CA GLU A 5 -4.05 3.65 -2.63
C GLU A 5 -2.97 2.69 -2.19
N THR A 6 -1.90 2.59 -2.99
CA THR A 6 -0.80 1.70 -2.68
C THR A 6 0.46 2.49 -2.31
N PHE A 7 1.33 1.87 -1.51
CA PHE A 7 2.56 2.52 -1.09
C PHE A 7 3.76 1.59 -1.29
N ILE A 8 4.96 2.16 -1.30
CA ILE A 8 6.18 1.38 -1.48
C ILE A 8 6.84 1.10 -0.14
N VAL A 9 7.01 -0.18 0.18
CA VAL A 9 7.64 -0.58 1.43
C VAL A 9 8.57 -1.78 1.21
N ALA A 10 9.47 -2.00 2.18
CA ALA A 10 10.41 -3.11 2.09
C ALA A 10 9.76 -4.42 2.53
N CYS A 11 9.15 -5.12 1.59
CA CYS A 11 8.48 -6.39 1.88
C CYS A 11 9.50 -7.48 2.17
N ASP A 12 10.71 -7.31 1.62
CA ASP A 12 11.77 -8.29 1.81
C ASP A 12 12.92 -7.69 2.62
N GLY A 13 12.61 -6.62 3.36
CA GLY A 13 13.63 -5.98 4.17
C GLY A 13 14.36 -4.88 3.42
N GLY A 14 14.18 -4.85 2.10
CA GLY A 14 14.83 -3.84 1.29
C GLY A 14 14.49 -3.98 -0.18
N LYS A 15 13.27 -4.41 -0.48
CA LYS A 15 12.83 -4.58 -1.85
C LYS A 15 11.64 -3.67 -2.16
N ALA A 16 11.11 -3.79 -3.37
CA ALA A 16 9.98 -2.98 -3.79
C ALA A 16 8.67 -3.74 -3.64
N CYS A 17 7.73 -3.16 -2.90
CA CYS A 17 6.43 -3.79 -2.67
C CYS A 17 5.30 -2.82 -2.99
N ARG A 18 4.14 -3.36 -3.35
CA ARG A 18 2.98 -2.54 -3.67
C ARG A 18 1.81 -2.89 -2.76
N GLU A 19 1.95 -2.58 -1.47
CA GLU A 19 0.91 -2.86 -0.50
C GLU A 19 -0.23 -1.85 -0.63
N VAL A 20 -1.40 -2.34 -1.06
CA VAL A 20 -2.57 -1.50 -1.23
C VAL A 20 -3.32 -1.32 0.08
N LYS A 21 -3.96 -0.17 0.24
CA LYS A 21 -4.72 0.13 1.44
C LYS A 21 -5.99 0.91 1.12
N CYS A 22 -7.07 0.60 1.82
CA CYS A 22 -8.34 1.28 1.61
C CYS A 22 -8.81 1.97 2.88
N LYS A 23 -9.37 3.16 2.74
CA LYS A 23 -9.87 3.93 3.87
C LYS A 23 -11.24 4.52 3.58
N THR A 24 -11.99 4.82 4.63
CA THR A 24 -13.32 5.39 4.49
C THR A 24 -13.25 6.91 4.31
N ILE A 25 -14.11 7.44 3.44
CA ILE A 25 -14.14 8.87 3.18
C ILE A 25 -15.39 9.51 3.80
N ILE A 1 -18.53 6.06 -1.23
CA ILE A 1 -17.34 5.62 -1.94
C ILE A 1 -16.14 5.51 -0.99
N LYS A 2 -15.28 4.54 -1.24
CA LYS A 2 -14.09 4.34 -0.41
C LYS A 2 -12.82 4.66 -1.19
N SER A 3 -11.82 5.21 -0.50
CA SER A 3 -10.56 5.56 -1.14
C SER A 3 -9.51 4.47 -0.89
N CYS A 4 -8.81 4.09 -1.96
CA CYS A 4 -7.78 3.06 -1.86
C CYS A 4 -6.55 3.45 -2.67
N GLU A 5 -5.37 3.15 -2.13
CA GLU A 5 -4.12 3.47 -2.80
C GLU A 5 -3.00 2.53 -2.35
N THR A 6 -1.94 2.44 -3.15
CA THR A 6 -0.81 1.58 -2.83
C THR A 6 0.42 2.39 -2.45
N PHE A 7 1.29 1.80 -1.65
CA PHE A 7 2.51 2.48 -1.20
C PHE A 7 3.71 1.56 -1.35
N ILE A 8 4.90 2.15 -1.26
CA ILE A 8 6.14 1.39 -1.38
C ILE A 8 6.75 1.09 -0.01
N VAL A 9 6.92 -0.19 0.28
CA VAL A 9 7.50 -0.61 1.55
C VAL A 9 8.49 -1.75 1.36
N ALA A 10 9.34 -1.97 2.37
CA ALA A 10 10.33 -3.03 2.31
C ALA A 10 9.72 -4.37 2.73
N CYS A 11 9.18 -5.10 1.77
CA CYS A 11 8.56 -6.40 2.04
C CYS A 11 9.63 -7.45 2.30
N ASP A 12 10.71 -7.41 1.51
CA ASP A 12 11.80 -8.37 1.65
C ASP A 12 12.96 -7.74 2.42
N GLY A 13 12.65 -6.81 3.31
CA GLY A 13 13.68 -6.16 4.09
C GLY A 13 14.39 -5.06 3.31
N GLY A 14 13.77 -4.62 2.22
CA GLY A 14 14.36 -3.58 1.41
C GLY A 14 13.85 -3.59 -0.02
N LYS A 15 13.31 -4.74 -0.44
CA LYS A 15 12.79 -4.88 -1.79
C LYS A 15 11.66 -3.89 -2.05
N ALA A 16 11.10 -3.94 -3.25
CA ALA A 16 10.02 -3.04 -3.63
C ALA A 16 8.67 -3.75 -3.55
N CYS A 17 7.82 -3.29 -2.63
CA CYS A 17 6.50 -3.87 -2.46
C CYS A 17 5.40 -2.87 -2.81
N ARG A 18 4.25 -3.38 -3.23
CA ARG A 18 3.13 -2.54 -3.60
C ARG A 18 1.90 -2.89 -2.77
N GLU A 19 1.99 -2.69 -1.45
CA GLU A 19 0.89 -2.98 -0.55
C GLU A 19 -0.27 -2.01 -0.78
N VAL A 20 -1.49 -2.54 -0.78
CA VAL A 20 -2.68 -1.71 -0.98
C VAL A 20 -3.45 -1.54 0.32
N LYS A 21 -4.14 -0.41 0.45
CA LYS A 21 -4.93 -0.12 1.64
C LYS A 21 -6.16 0.70 1.29
N CYS A 22 -7.20 0.58 2.10
CA CYS A 22 -8.45 1.31 1.88
C CYS A 22 -8.86 2.06 3.14
N LYS A 23 -9.50 3.21 2.94
CA LYS A 23 -9.96 4.03 4.07
C LYS A 23 -11.28 4.71 3.74
N THR A 24 -12.14 4.85 4.75
CA THR A 24 -13.44 5.48 4.56
C THR A 24 -13.29 6.98 4.31
N ILE A 25 -13.98 7.49 3.30
CA ILE A 25 -13.92 8.90 2.96
C ILE A 25 -15.31 9.52 2.96
N ILE A 1 -18.27 6.86 -1.54
CA ILE A 1 -17.30 5.97 -2.16
C ILE A 1 -16.03 5.87 -1.33
N LYS A 2 -15.43 4.68 -1.30
CA LYS A 2 -14.21 4.45 -0.54
C LYS A 2 -12.98 4.76 -1.38
N SER A 3 -11.89 5.12 -0.72
CA SER A 3 -10.65 5.44 -1.42
C SER A 3 -9.58 4.41 -1.12
N CYS A 4 -8.96 3.88 -2.17
CA CYS A 4 -7.92 2.87 -2.03
C CYS A 4 -6.69 3.24 -2.86
N GLU A 5 -5.51 2.97 -2.32
CA GLU A 5 -4.26 3.27 -3.01
C GLU A 5 -3.14 2.34 -2.55
N THR A 6 -2.08 2.27 -3.34
CA THR A 6 -0.93 1.43 -3.01
C THR A 6 0.28 2.26 -2.62
N PHE A 7 1.16 1.69 -1.81
CA PHE A 7 2.36 2.38 -1.37
C PHE A 7 3.58 1.48 -1.50
N ILE A 8 4.77 2.09 -1.42
CA ILE A 8 6.02 1.35 -1.53
C ILE A 8 6.64 1.11 -0.16
N VAL A 9 6.83 -0.16 0.20
CA VAL A 9 7.42 -0.52 1.48
C VAL A 9 8.42 -1.66 1.32
N ALA A 10 9.28 -1.83 2.32
CA ALA A 10 10.29 -2.88 2.30
C ALA A 10 9.69 -4.22 2.71
N CYS A 11 9.17 -4.96 1.73
CA CYS A 11 8.56 -6.26 1.99
C CYS A 11 9.63 -7.31 2.28
N ASP A 12 10.73 -7.25 1.52
CA ASP A 12 11.83 -8.19 1.68
C ASP A 12 12.98 -7.56 2.45
N GLY A 13 12.65 -6.60 3.31
CA GLY A 13 13.67 -5.93 4.09
C GLY A 13 14.35 -4.82 3.32
N GLY A 14 13.74 -4.40 2.22
CA GLY A 14 14.31 -3.34 1.40
C GLY A 14 13.83 -3.39 -0.04
N LYS A 15 13.34 -4.56 -0.45
CA LYS A 15 12.85 -4.74 -1.81
C LYS A 15 11.68 -3.80 -2.09
N ALA A 16 11.13 -3.89 -3.30
CA ALA A 16 10.01 -3.05 -3.70
C ALA A 16 8.69 -3.81 -3.58
N CYS A 17 7.75 -3.25 -2.82
CA CYS A 17 6.45 -3.86 -2.62
C CYS A 17 5.33 -2.90 -2.99
N ARG A 18 4.17 -3.46 -3.36
CA ARG A 18 3.02 -2.65 -3.74
C ARG A 18 1.81 -3.01 -2.88
N GLU A 19 1.91 -2.76 -1.58
CA GLU A 19 0.82 -3.06 -0.66
C GLU A 19 -0.35 -2.11 -0.87
N VAL A 20 -1.56 -2.66 -0.86
CA VAL A 20 -2.76 -1.85 -1.06
C VAL A 20 -3.49 -1.63 0.25
N LYS A 21 -4.18 -0.50 0.36
CA LYS A 21 -4.93 -0.17 1.57
C LYS A 21 -6.19 0.61 1.22
N CYS A 22 -7.27 0.35 1.96
CA CYS A 22 -8.54 1.03 1.73
C CYS A 22 -8.97 1.79 2.98
N LYS A 23 -9.44 3.02 2.79
CA LYS A 23 -9.89 3.86 3.90
C LYS A 23 -11.19 4.57 3.55
N THR A 24 -11.93 4.99 4.57
CA THR A 24 -13.19 5.68 4.37
C THR A 24 -13.01 7.19 4.46
N ILE A 25 -13.66 7.92 3.56
CA ILE A 25 -13.57 9.38 3.54
C ILE A 25 -14.75 10.01 4.25
N ILE A 1 -18.80 5.56 -1.11
CA ILE A 1 -17.56 5.42 -1.85
C ILE A 1 -16.38 5.20 -0.91
N LYS A 2 -15.36 4.48 -1.39
CA LYS A 2 -14.17 4.21 -0.60
C LYS A 2 -12.91 4.57 -1.37
N SER A 3 -11.91 5.06 -0.66
CA SER A 3 -10.64 5.44 -1.28
C SER A 3 -9.57 4.39 -1.03
N CYS A 4 -8.84 4.04 -2.08
CA CYS A 4 -7.78 3.03 -1.98
C CYS A 4 -6.53 3.49 -2.73
N GLU A 5 -5.36 3.09 -2.23
CA GLU A 5 -4.10 3.45 -2.86
C GLU A 5 -2.99 2.49 -2.44
N THR A 6 -1.90 2.49 -3.19
CA THR A 6 -0.77 1.62 -2.91
C THR A 6 0.46 2.42 -2.52
N PHE A 7 1.34 1.83 -1.74
CA PHE A 7 2.56 2.49 -1.29
C PHE A 7 3.77 1.57 -1.45
N ILE A 8 4.96 2.16 -1.39
CA ILE A 8 6.19 1.39 -1.52
C ILE A 8 6.83 1.12 -0.16
N VAL A 9 6.98 -0.15 0.17
CA VAL A 9 7.58 -0.55 1.45
C VAL A 9 8.53 -1.73 1.28
N ALA A 10 9.39 -1.93 2.26
CA ALA A 10 10.35 -3.03 2.22
C ALA A 10 9.70 -4.35 2.64
N CYS A 11 9.13 -5.06 1.67
CA CYS A 11 8.47 -6.33 1.94
C CYS A 11 9.50 -7.41 2.27
N ASP A 12 10.71 -7.25 1.73
CA ASP A 12 11.78 -8.22 1.96
C ASP A 12 12.92 -7.58 2.74
N GLY A 13 12.63 -6.47 3.42
CA GLY A 13 13.65 -5.79 4.20
C GLY A 13 14.40 -4.76 3.37
N GLY A 14 14.24 -4.82 2.06
CA GLY A 14 14.92 -3.88 1.18
C GLY A 14 14.53 -4.06 -0.27
N LYS A 15 13.29 -4.47 -0.51
CA LYS A 15 12.79 -4.67 -1.86
C LYS A 15 11.65 -3.72 -2.18
N ALA A 16 11.09 -3.83 -3.37
CA ALA A 16 9.98 -2.99 -3.79
C ALA A 16 8.66 -3.72 -3.70
N CYS A 17 7.76 -3.20 -2.86
CA CYS A 17 6.45 -3.81 -2.67
C CYS A 17 5.33 -2.83 -3.02
N ARG A 18 4.19 -3.35 -3.42
CA ARG A 18 3.04 -2.52 -3.78
C ARG A 18 1.84 -2.85 -2.91
N GLU A 19 1.96 -2.59 -1.61
CA GLU A 19 0.88 -2.87 -0.67
C GLU A 19 -0.27 -1.87 -0.86
N VAL A 20 -1.46 -2.39 -1.11
CA VAL A 20 -2.64 -1.56 -1.30
C VAL A 20 -3.44 -1.43 -0.02
N LYS A 21 -4.05 -0.25 0.17
CA LYS A 21 -4.85 0.01 1.37
C LYS A 21 -6.19 0.63 0.99
N CYS A 22 -7.11 0.64 1.95
CA CYS A 22 -8.43 1.21 1.73
C CYS A 22 -8.97 1.87 3.00
N LYS A 23 -9.63 3.01 2.83
CA LYS A 23 -10.19 3.74 3.96
C LYS A 23 -11.52 4.39 3.59
N THR A 24 -12.31 4.74 4.61
CA THR A 24 -13.60 5.37 4.38
C THR A 24 -13.46 6.86 4.12
N ILE A 25 -14.37 7.41 3.34
CA ILE A 25 -14.35 8.83 3.02
C ILE A 25 -15.55 9.55 3.61
N ILE A 1 -18.75 6.25 -0.62
CA ILE A 1 -17.59 6.03 -1.48
C ILE A 1 -16.34 5.76 -0.65
N LYS A 2 -15.48 4.89 -1.16
CA LYS A 2 -14.24 4.54 -0.47
C LYS A 2 -13.03 4.90 -1.32
N SER A 3 -11.87 5.03 -0.68
CA SER A 3 -10.64 5.36 -1.37
C SER A 3 -9.56 4.31 -1.11
N CYS A 4 -8.89 3.88 -2.17
CA CYS A 4 -7.83 2.89 -2.05
C CYS A 4 -6.59 3.31 -2.83
N GLU A 5 -5.42 3.03 -2.27
CA GLU A 5 -4.16 3.39 -2.91
C GLU A 5 -3.03 2.46 -2.47
N THR A 6 -1.96 2.42 -3.24
CA THR A 6 -0.82 1.57 -2.93
C THR A 6 0.39 2.41 -2.52
N PHE A 7 1.26 1.81 -1.70
CA PHE A 7 2.46 2.50 -1.23
C PHE A 7 3.69 1.60 -1.37
N ILE A 8 4.86 2.21 -1.26
CA ILE A 8 6.12 1.47 -1.38
C ILE A 8 6.72 1.19 0.00
N VAL A 9 6.90 -0.08 0.31
CA VAL A 9 7.47 -0.49 1.59
C VAL A 9 8.48 -1.62 1.41
N ALA A 10 9.32 -1.82 2.43
CA ALA A 10 10.33 -2.87 2.38
C ALA A 10 9.73 -4.22 2.78
N CYS A 11 9.21 -4.94 1.79
CA CYS A 11 8.60 -6.25 2.03
C CYS A 11 9.67 -7.30 2.31
N ASP A 12 10.76 -7.25 1.54
CA ASP A 12 11.86 -8.20 1.72
C ASP A 12 12.99 -7.57 2.52
N GLY A 13 12.65 -6.64 3.40
CA GLY A 13 13.64 -5.98 4.21
C GLY A 13 14.36 -4.87 3.47
N GLY A 14 13.78 -4.42 2.36
CA GLY A 14 14.38 -3.37 1.57
C GLY A 14 13.92 -3.38 0.13
N LYS A 15 13.40 -4.53 -0.32
CA LYS A 15 12.92 -4.67 -1.69
C LYS A 15 11.77 -3.71 -1.96
N ALA A 16 11.23 -3.76 -3.17
CA ALA A 16 10.12 -2.90 -3.56
C ALA A 16 8.79 -3.65 -3.49
N CYS A 17 7.87 -3.13 -2.69
CA CYS A 17 6.56 -3.75 -2.52
C CYS A 17 5.45 -2.77 -2.89
N ARG A 18 4.31 -3.30 -3.30
CA ARG A 18 3.17 -2.48 -3.67
C ARG A 18 1.93 -2.85 -2.85
N GLU A 19 2.01 -2.67 -1.54
CA GLU A 19 0.91 -2.98 -0.65
C GLU A 19 -0.27 -2.04 -0.89
N VAL A 20 -1.47 -2.61 -0.91
CA VAL A 20 -2.68 -1.82 -1.13
C VAL A 20 -3.47 -1.66 0.17
N LYS A 21 -4.18 -0.54 0.28
CA LYS A 21 -4.98 -0.26 1.47
C LYS A 21 -6.23 0.55 1.11
N CYS A 22 -7.26 0.42 1.93
CA CYS A 22 -8.51 1.13 1.70
C CYS A 22 -8.97 1.86 2.97
N LYS A 23 -9.43 3.09 2.81
CA LYS A 23 -9.90 3.89 3.94
C LYS A 23 -11.26 4.52 3.63
N THR A 24 -11.95 4.95 4.68
CA THR A 24 -13.26 5.57 4.52
C THR A 24 -13.13 7.08 4.32
N ILE A 25 -14.02 7.63 3.50
CA ILE A 25 -14.00 9.07 3.23
C ILE A 25 -15.21 9.76 3.85
N ILE A 1 -18.47 6.29 -1.38
CA ILE A 1 -17.31 5.80 -2.10
C ILE A 1 -16.15 5.53 -1.15
N LYS A 2 -15.38 4.48 -1.45
CA LYS A 2 -14.23 4.12 -0.62
C LYS A 2 -12.93 4.46 -1.32
N SER A 3 -12.01 5.10 -0.59
CA SER A 3 -10.72 5.48 -1.14
C SER A 3 -9.69 4.38 -0.93
N CYS A 4 -8.82 4.19 -1.92
CA CYS A 4 -7.78 3.16 -1.85
C CYS A 4 -6.51 3.63 -2.54
N GLU A 5 -5.37 3.29 -1.95
CA GLU A 5 -4.07 3.68 -2.50
C GLU A 5 -2.99 2.70 -2.08
N THR A 6 -1.91 2.64 -2.87
CA THR A 6 -0.80 1.74 -2.58
C THR A 6 0.47 2.53 -2.27
N PHE A 7 1.36 1.92 -1.48
CA PHE A 7 2.61 2.58 -1.11
C PHE A 7 3.78 1.61 -1.27
N ILE A 8 4.99 2.16 -1.38
CA ILE A 8 6.19 1.35 -1.54
C ILE A 8 6.87 1.12 -0.20
N VAL A 9 7.03 -0.15 0.17
CA VAL A 9 7.68 -0.51 1.42
C VAL A 9 8.58 -1.73 1.25
N ALA A 10 9.49 -1.92 2.20
CA ALA A 10 10.42 -3.04 2.15
C ALA A 10 9.76 -4.32 2.65
N CYS A 11 9.13 -5.05 1.73
CA CYS A 11 8.46 -6.30 2.08
C CYS A 11 9.47 -7.40 2.40
N ASP A 12 10.65 -7.29 1.79
CA ASP A 12 11.71 -8.28 2.01
C ASP A 12 12.90 -7.64 2.70
N GLY A 13 12.70 -6.45 3.26
CA GLY A 13 13.77 -5.76 3.94
C GLY A 13 14.57 -4.86 3.01
N GLY A 14 14.37 -5.04 1.71
CA GLY A 14 15.08 -4.24 0.73
C GLY A 14 14.56 -4.45 -0.68
N LYS A 15 13.28 -4.79 -0.79
CA LYS A 15 12.66 -5.02 -2.10
C LYS A 15 11.54 -4.02 -2.35
N ALA A 16 10.88 -4.16 -3.49
CA ALA A 16 9.78 -3.27 -3.85
C ALA A 16 8.43 -3.95 -3.65
N CYS A 17 7.59 -3.36 -2.82
CA CYS A 17 6.27 -3.91 -2.53
C CYS A 17 5.18 -2.89 -2.85
N ARG A 18 3.99 -3.38 -3.17
CA ARG A 18 2.86 -2.52 -3.49
C ARG A 18 1.69 -2.79 -2.56
N GLU A 19 1.88 -2.52 -1.28
CA GLU A 19 0.83 -2.74 -0.28
C GLU A 19 -0.30 -1.74 -0.46
N VAL A 20 -1.48 -2.24 -0.82
CA VAL A 20 -2.65 -1.40 -1.03
C VAL A 20 -3.46 -1.27 0.25
N LYS A 21 -4.01 -0.08 0.49
CA LYS A 21 -4.82 0.18 1.68
C LYS A 21 -6.05 1.00 1.32
N CYS A 22 -7.17 0.68 1.98
CA CYS A 22 -8.42 1.39 1.73
C CYS A 22 -8.89 2.11 2.99
N LYS A 23 -9.57 3.24 2.81
CA LYS A 23 -10.07 4.02 3.93
C LYS A 23 -11.45 4.61 3.61
N THR A 24 -12.29 4.75 4.64
CA THR A 24 -13.61 5.31 4.46
C THR A 24 -13.58 6.83 4.45
N ILE A 25 -14.10 7.43 3.38
CA ILE A 25 -14.13 8.88 3.26
C ILE A 25 -15.56 9.38 3.05
N ILE A 1 -18.68 6.19 -1.51
CA ILE A 1 -17.53 5.61 -2.19
C ILE A 1 -16.33 5.51 -1.25
N LYS A 2 -15.52 4.48 -1.45
CA LYS A 2 -14.34 4.27 -0.63
C LYS A 2 -13.07 4.59 -1.40
N SER A 3 -12.04 5.03 -0.69
CA SER A 3 -10.77 5.38 -1.32
C SER A 3 -9.72 4.30 -1.04
N CYS A 4 -9.00 3.90 -2.09
CA CYS A 4 -7.96 2.88 -1.96
C CYS A 4 -6.73 3.26 -2.77
N GLU A 5 -5.56 2.97 -2.22
CA GLU A 5 -4.31 3.28 -2.89
C GLU A 5 -3.18 2.36 -2.42
N THR A 6 -2.13 2.25 -3.22
CA THR A 6 -0.99 1.39 -2.89
C THR A 6 0.22 2.22 -2.51
N PHE A 7 1.09 1.65 -1.68
CA PHE A 7 2.30 2.34 -1.24
C PHE A 7 3.52 1.43 -1.40
N ILE A 8 4.70 2.04 -1.32
CA ILE A 8 5.95 1.29 -1.45
C ILE A 8 6.61 1.07 -0.09
N VAL A 9 6.80 -0.21 0.26
CA VAL A 9 7.42 -0.56 1.53
C VAL A 9 8.41 -1.70 1.35
N ALA A 10 9.28 -1.87 2.34
CA ALA A 10 10.28 -2.94 2.30
C ALA A 10 9.69 -4.26 2.76
N CYS A 11 9.13 -5.01 1.82
CA CYS A 11 8.53 -6.31 2.12
C CYS A 11 9.60 -7.33 2.49
N ASP A 12 10.79 -7.16 1.93
CA ASP A 12 11.90 -8.07 2.20
C ASP A 12 13.03 -7.35 2.93
N GLY A 13 12.72 -6.17 3.47
CA GLY A 13 13.72 -5.40 4.19
C GLY A 13 14.51 -4.48 3.27
N GLY A 14 14.38 -4.69 1.97
CA GLY A 14 15.09 -3.87 1.01
C GLY A 14 14.62 -4.09 -0.41
N LYS A 15 13.36 -4.49 -0.56
CA LYS A 15 12.78 -4.75 -1.87
C LYS A 15 11.64 -3.78 -2.16
N ALA A 16 11.02 -3.92 -3.33
CA ALA A 16 9.91 -3.06 -3.73
C ALA A 16 8.58 -3.80 -3.62
N CYS A 17 7.71 -3.33 -2.74
CA CYS A 17 6.39 -3.94 -2.54
C CYS A 17 5.28 -2.97 -2.90
N ARG A 18 4.13 -3.52 -3.31
CA ARG A 18 2.99 -2.69 -3.68
C ARG A 18 1.77 -3.04 -2.82
N GLU A 19 1.88 -2.79 -1.52
CA GLU A 19 0.79 -3.08 -0.60
C GLU A 19 -0.36 -2.11 -0.80
N VAL A 20 -1.59 -2.64 -0.80
CA VAL A 20 -2.77 -1.83 -0.98
C VAL A 20 -3.52 -1.64 0.33
N LYS A 21 -4.21 -0.50 0.46
CA LYS A 21 -4.96 -0.20 1.67
C LYS A 21 -6.20 0.63 1.33
N CYS A 22 -7.32 0.29 1.98
CA CYS A 22 -8.58 1.00 1.75
C CYS A 22 -9.00 1.77 3.00
N LYS A 23 -9.63 2.91 2.79
CA LYS A 23 -10.09 3.75 3.90
C LYS A 23 -11.39 4.46 3.54
N THR A 24 -12.11 4.93 4.56
CA THR A 24 -13.37 5.62 4.36
C THR A 24 -13.13 7.08 3.98
N ILE A 25 -14.15 7.70 3.39
CA ILE A 25 -14.06 9.09 2.98
C ILE A 25 -15.17 9.92 3.61
N ILE A 1 -18.78 6.21 -0.99
CA ILE A 1 -17.63 5.72 -1.75
C ILE A 1 -16.38 5.66 -0.87
N LYS A 2 -15.53 4.67 -1.12
CA LYS A 2 -14.31 4.49 -0.36
C LYS A 2 -13.08 4.77 -1.22
N SER A 3 -11.96 5.11 -0.58
CA SER A 3 -10.73 5.40 -1.29
C SER A 3 -9.69 4.32 -1.02
N CYS A 4 -8.92 3.98 -2.06
CA CYS A 4 -7.88 2.97 -1.95
C CYS A 4 -6.65 3.35 -2.75
N GLU A 5 -5.48 3.06 -2.18
CA GLU A 5 -4.21 3.39 -2.84
C GLU A 5 -3.11 2.46 -2.37
N THR A 6 -2.08 2.30 -3.20
CA THR A 6 -0.95 1.43 -2.87
C THR A 6 0.27 2.25 -2.49
N PHE A 7 1.13 1.66 -1.66
CA PHE A 7 2.34 2.34 -1.21
C PHE A 7 3.56 1.43 -1.36
N ILE A 8 4.75 2.02 -1.27
CA ILE A 8 5.99 1.26 -1.39
C ILE A 8 6.62 1.01 -0.03
N VAL A 9 6.80 -0.27 0.32
CA VAL A 9 7.39 -0.64 1.59
C VAL A 9 8.37 -1.80 1.42
N ALA A 10 9.23 -1.99 2.42
CA ALA A 10 10.21 -3.06 2.37
C ALA A 10 9.61 -4.38 2.82
N CYS A 11 9.05 -5.12 1.87
CA CYS A 11 8.43 -6.41 2.16
C CYS A 11 9.47 -7.44 2.52
N ASP A 12 10.67 -7.29 1.97
CA ASP A 12 11.77 -8.21 2.23
C ASP A 12 12.90 -7.52 2.98
N GLY A 13 12.63 -6.31 3.46
CA GLY A 13 13.65 -5.56 4.18
C GLY A 13 14.49 -4.70 3.26
N GLY A 14 14.39 -4.95 1.96
CA GLY A 14 15.17 -4.19 1.00
C GLY A 14 14.68 -4.38 -0.42
N LYS A 15 13.40 -4.72 -0.57
CA LYS A 15 12.80 -4.94 -1.88
C LYS A 15 11.68 -3.93 -2.15
N ALA A 16 11.03 -4.07 -3.29
CA ALA A 16 9.94 -3.18 -3.66
C ALA A 16 8.60 -3.88 -3.58
N CYS A 17 7.74 -3.41 -2.69
CA CYS A 17 6.41 -3.99 -2.51
C CYS A 17 5.32 -2.99 -2.86
N ARG A 18 4.16 -3.51 -3.27
CA ARG A 18 3.04 -2.66 -3.64
C ARG A 18 1.81 -3.00 -2.81
N GLU A 19 1.91 -2.79 -1.50
CA GLU A 19 0.80 -3.07 -0.60
C GLU A 19 -0.35 -2.10 -0.82
N VAL A 20 -1.58 -2.63 -0.83
CA VAL A 20 -2.75 -1.80 -1.04
C VAL A 20 -3.52 -1.61 0.27
N LYS A 21 -4.20 -0.47 0.38
CA LYS A 21 -4.98 -0.17 1.58
C LYS A 21 -6.22 0.64 1.23
N CYS A 22 -7.27 0.51 2.04
CA CYS A 22 -8.51 1.24 1.82
C CYS A 22 -8.94 1.98 3.08
N LYS A 23 -9.42 3.21 2.89
CA LYS A 23 -9.86 4.03 4.01
C LYS A 23 -11.19 4.71 3.69
N THR A 24 -11.99 4.95 4.72
CA THR A 24 -13.29 5.59 4.56
C THR A 24 -13.13 7.07 4.25
N ILE A 25 -13.82 7.53 3.22
CA ILE A 25 -13.76 8.93 2.82
C ILE A 25 -15.15 9.57 2.82
N ILE A 1 -18.70 6.03 -0.74
CA ILE A 1 -17.50 5.87 -1.56
C ILE A 1 -16.27 5.60 -0.69
N LYS A 2 -15.33 4.83 -1.23
CA LYS A 2 -14.10 4.50 -0.51
C LYS A 2 -12.88 4.78 -1.38
N SER A 3 -11.80 5.22 -0.74
CA SER A 3 -10.56 5.52 -1.44
C SER A 3 -9.50 4.47 -1.15
N CYS A 4 -8.84 3.99 -2.20
CA CYS A 4 -7.80 2.98 -2.06
C CYS A 4 -6.57 3.35 -2.87
N GLU A 5 -5.39 3.07 -2.32
CA GLU A 5 -4.13 3.38 -2.98
C GLU A 5 -3.02 2.47 -2.49
N THR A 6 -1.99 2.29 -3.32
CA THR A 6 -0.86 1.44 -2.97
C THR A 6 0.36 2.27 -2.60
N PHE A 7 1.22 1.72 -1.75
CA PHE A 7 2.42 2.41 -1.31
C PHE A 7 3.64 1.50 -1.44
N ILE A 8 4.82 2.12 -1.47
CA ILE A 8 6.07 1.37 -1.59
C ILE A 8 6.71 1.15 -0.22
N VAL A 9 6.91 -0.12 0.14
CA VAL A 9 7.53 -0.45 1.42
C VAL A 9 8.50 -1.62 1.26
N ALA A 10 9.38 -1.78 2.25
CA ALA A 10 10.36 -2.85 2.23
C ALA A 10 9.75 -4.16 2.73
N CYS A 11 9.18 -4.92 1.81
CA CYS A 11 8.56 -6.20 2.15
C CYS A 11 9.61 -7.22 2.57
N ASP A 12 10.81 -7.09 2.02
CA ASP A 12 11.90 -8.00 2.33
C ASP A 12 13.04 -7.26 3.04
N GLY A 13 12.77 -6.02 3.44
CA GLY A 13 13.78 -5.22 4.11
C GLY A 13 14.64 -4.44 3.16
N GLY A 14 14.57 -4.78 1.87
CA GLY A 14 15.35 -4.09 0.87
C GLY A 14 14.83 -4.33 -0.54
N LYS A 15 13.55 -4.64 -0.64
CA LYS A 15 12.93 -4.89 -1.94
C LYS A 15 11.82 -3.88 -2.22
N ALA A 16 11.14 -4.04 -3.35
CA ALA A 16 10.06 -3.14 -3.73
C ALA A 16 8.71 -3.84 -3.64
N CYS A 17 7.87 -3.38 -2.72
CA CYS A 17 6.55 -3.96 -2.54
C CYS A 17 5.46 -2.96 -2.90
N ARG A 18 4.30 -3.48 -3.30
CA ARG A 18 3.17 -2.64 -3.68
C ARG A 18 1.94 -2.96 -2.84
N GLU A 19 2.04 -2.74 -1.54
CA GLU A 19 0.94 -3.00 -0.63
C GLU A 19 -0.22 -2.03 -0.87
N VAL A 20 -1.43 -2.56 -0.89
CA VAL A 20 -2.62 -1.75 -1.11
C VAL A 20 -3.40 -1.55 0.19
N LYS A 21 -4.08 -0.41 0.30
CA LYS A 21 -4.88 -0.10 1.48
C LYS A 21 -6.15 0.63 1.11
N CYS A 22 -7.17 0.52 1.95
CA CYS A 22 -8.45 1.18 1.72
C CYS A 22 -8.92 1.91 2.97
N LYS A 23 -9.52 3.09 2.77
CA LYS A 23 -10.02 3.89 3.87
C LYS A 23 -11.37 4.51 3.52
N THR A 24 -12.25 4.61 4.51
CA THR A 24 -13.57 5.18 4.31
C THR A 24 -13.49 6.70 4.17
N ILE A 25 -14.38 7.27 3.36
CA ILE A 25 -14.41 8.71 3.14
C ILE A 25 -15.69 9.32 3.71
N ILE A 1 -18.54 6.17 -1.33
CA ILE A 1 -17.38 5.61 -2.02
C ILE A 1 -16.17 5.57 -1.10
N LYS A 2 -15.38 4.51 -1.22
CA LYS A 2 -14.18 4.34 -0.39
C LYS A 2 -12.93 4.68 -1.20
N SER A 3 -11.88 5.11 -0.49
CA SER A 3 -10.62 5.46 -1.14
C SER A 3 -9.54 4.43 -0.82
N CYS A 4 -8.84 3.99 -1.87
CA CYS A 4 -7.78 3.00 -1.71
C CYS A 4 -6.58 3.34 -2.60
N GLU A 5 -5.39 2.93 -2.16
CA GLU A 5 -4.18 3.20 -2.92
C GLU A 5 -3.05 2.26 -2.48
N THR A 6 -1.97 2.23 -3.26
CA THR A 6 -0.84 1.38 -2.96
C THR A 6 0.39 2.21 -2.57
N PHE A 7 1.27 1.63 -1.77
CA PHE A 7 2.48 2.32 -1.33
C PHE A 7 3.69 1.40 -1.44
N ILE A 8 4.88 2.00 -1.41
CA ILE A 8 6.12 1.24 -1.51
C ILE A 8 6.72 1.00 -0.12
N VAL A 9 6.89 -0.26 0.23
CA VAL A 9 7.47 -0.62 1.52
C VAL A 9 8.47 -1.77 1.39
N ALA A 10 9.31 -1.93 2.40
CA ALA A 10 10.31 -2.99 2.39
C ALA A 10 9.70 -4.34 2.76
N CYS A 11 9.20 -5.06 1.77
CA CYS A 11 8.58 -6.37 1.99
C CYS A 11 9.64 -7.42 2.25
N ASP A 12 10.71 -7.40 1.48
CA ASP A 12 11.79 -8.36 1.63
C ASP A 12 13.00 -7.72 2.31
N GLY A 13 12.75 -6.65 3.07
CA GLY A 13 13.82 -5.97 3.77
C GLY A 13 14.30 -4.74 3.03
N GLY A 14 13.63 -4.40 1.94
CA GLY A 14 14.01 -3.24 1.16
C GLY A 14 13.51 -3.31 -0.27
N LYS A 15 13.20 -4.52 -0.74
CA LYS A 15 12.71 -4.72 -2.09
C LYS A 15 11.50 -3.83 -2.37
N ALA A 16 11.05 -3.81 -3.62
CA ALA A 16 9.90 -3.00 -4.01
C ALA A 16 8.60 -3.78 -3.80
N CYS A 17 7.74 -3.25 -2.95
CA CYS A 17 6.45 -3.88 -2.66
C CYS A 17 5.30 -2.95 -2.99
N ARG A 18 4.14 -3.53 -3.31
CA ARG A 18 2.97 -2.75 -3.65
C ARG A 18 1.78 -3.15 -2.77
N GLU A 19 1.75 -2.64 -1.55
CA GLU A 19 0.67 -2.95 -0.61
C GLU A 19 -0.47 -1.95 -0.75
N VAL A 20 -1.65 -2.45 -1.09
CA VAL A 20 -2.83 -1.61 -1.26
C VAL A 20 -3.61 -1.50 0.04
N LYS A 21 -4.08 -0.30 0.34
CA LYS A 21 -4.86 -0.06 1.55
C LYS A 21 -6.19 0.61 1.22
N CYS A 22 -7.11 0.58 2.18
CA CYS A 22 -8.42 1.19 2.00
C CYS A 22 -8.85 1.96 3.25
N LYS A 23 -9.50 3.10 3.04
CA LYS A 23 -9.96 3.93 4.14
C LYS A 23 -11.26 4.64 3.80
N THR A 24 -11.99 5.07 4.82
CA THR A 24 -13.26 5.76 4.61
C THR A 24 -13.04 7.20 4.18
N ILE A 25 -14.03 7.77 3.50
CA ILE A 25 -13.95 9.14 3.02
C ILE A 25 -15.01 10.01 3.69
N ILE A 1 -18.69 5.67 -1.27
CA ILE A 1 -17.47 5.37 -2.02
C ILE A 1 -16.26 5.31 -1.09
N LYS A 2 -15.33 4.41 -1.40
CA LYS A 2 -14.12 4.25 -0.60
C LYS A 2 -12.88 4.55 -1.42
N SER A 3 -11.87 5.11 -0.78
CA SER A 3 -10.62 5.45 -1.45
C SER A 3 -9.54 4.43 -1.15
N CYS A 4 -8.94 3.88 -2.20
CA CYS A 4 -7.88 2.88 -2.04
C CYS A 4 -6.64 3.26 -2.85
N GLU A 5 -5.47 2.99 -2.30
CA GLU A 5 -4.22 3.31 -2.97
C GLU A 5 -3.12 2.35 -2.54
N THR A 6 -1.96 2.44 -3.21
CA THR A 6 -0.83 1.58 -2.90
C THR A 6 0.38 2.39 -2.47
N PHE A 7 1.24 1.79 -1.65
CA PHE A 7 2.44 2.46 -1.17
C PHE A 7 3.67 1.56 -1.33
N ILE A 8 4.84 2.17 -1.19
CA ILE A 8 6.09 1.41 -1.32
C ILE A 8 6.71 1.13 0.05
N VAL A 9 6.89 -0.15 0.35
CA VAL A 9 7.45 -0.56 1.63
C VAL A 9 8.44 -1.71 1.44
N ALA A 10 9.29 -1.92 2.45
CA ALA A 10 10.29 -2.99 2.39
C ALA A 10 9.67 -4.33 2.78
N CYS A 11 9.13 -5.05 1.80
CA CYS A 11 8.51 -6.33 2.04
C CYS A 11 9.56 -7.39 2.41
N ASP A 12 10.77 -7.21 1.88
CA ASP A 12 11.87 -8.13 2.13
C ASP A 12 12.98 -7.45 2.92
N GLY A 13 12.70 -6.25 3.42
CA GLY A 13 13.69 -5.51 4.18
C GLY A 13 14.57 -4.64 3.30
N GLY A 14 14.50 -4.87 1.99
CA GLY A 14 15.30 -4.10 1.05
C GLY A 14 14.83 -4.24 -0.38
N LYS A 15 13.55 -4.57 -0.55
CA LYS A 15 12.97 -4.75 -1.88
C LYS A 15 11.84 -3.75 -2.11
N ALA A 16 11.23 -3.82 -3.29
CA ALA A 16 10.13 -2.93 -3.64
C ALA A 16 8.79 -3.66 -3.59
N CYS A 17 7.90 -3.19 -2.74
CA CYS A 17 6.58 -3.80 -2.59
C CYS A 17 5.48 -2.79 -2.93
N ARG A 18 4.33 -3.30 -3.37
CA ARG A 18 3.20 -2.45 -3.72
C ARG A 18 1.96 -2.84 -2.91
N GLU A 19 2.04 -2.68 -1.60
CA GLU A 19 0.92 -3.00 -0.72
C GLU A 19 -0.24 -2.05 -0.94
N VAL A 20 -1.45 -2.61 -1.00
CA VAL A 20 -2.66 -1.81 -1.21
C VAL A 20 -3.42 -1.61 0.09
N LYS A 21 -4.12 -0.48 0.21
CA LYS A 21 -4.89 -0.18 1.40
C LYS A 21 -6.17 0.56 1.04
N CYS A 22 -7.13 0.55 1.95
CA CYS A 22 -8.40 1.23 1.73
C CYS A 22 -8.83 2.02 2.97
N LYS A 23 -9.41 3.19 2.75
CA LYS A 23 -9.86 4.04 3.85
C LYS A 23 -11.12 4.80 3.45
N THR A 24 -11.96 5.10 4.45
CA THR A 24 -13.20 5.82 4.22
C THR A 24 -12.95 7.32 4.07
N ILE A 25 -13.70 7.95 3.18
CA ILE A 25 -13.56 9.38 2.96
C ILE A 25 -14.59 10.17 3.74
N ILE A 1 -18.38 6.09 -1.32
CA ILE A 1 -17.22 5.62 -2.06
C ILE A 1 -15.99 5.51 -1.15
N LYS A 2 -15.18 4.48 -1.39
CA LYS A 2 -13.97 4.27 -0.60
C LYS A 2 -12.73 4.55 -1.43
N SER A 3 -11.70 5.09 -0.78
CA SER A 3 -10.45 5.42 -1.46
C SER A 3 -9.37 4.40 -1.12
N CYS A 4 -8.77 3.82 -2.17
CA CYS A 4 -7.72 2.82 -1.99
C CYS A 4 -6.50 3.16 -2.84
N GLU A 5 -5.33 2.77 -2.36
CA GLU A 5 -4.09 3.03 -3.08
C GLU A 5 -2.97 2.11 -2.59
N THR A 6 -1.86 2.09 -3.32
CA THR A 6 -0.72 1.25 -2.96
C THR A 6 0.48 2.09 -2.55
N PHE A 7 1.33 1.53 -1.70
CA PHE A 7 2.52 2.23 -1.23
C PHE A 7 3.75 1.33 -1.31
N ILE A 8 4.92 1.94 -1.31
CA ILE A 8 6.17 1.21 -1.38
C ILE A 8 6.76 0.97 0.01
N VAL A 9 6.96 -0.29 0.36
CA VAL A 9 7.52 -0.65 1.66
C VAL A 9 8.54 -1.78 1.54
N ALA A 10 9.36 -1.93 2.56
CA ALA A 10 10.38 -2.98 2.56
C ALA A 10 9.77 -4.34 2.91
N CYS A 11 9.32 -5.06 1.89
CA CYS A 11 8.71 -6.37 2.09
C CYS A 11 9.78 -7.42 2.38
N ASP A 12 10.88 -7.35 1.63
CA ASP A 12 11.98 -8.29 1.79
C ASP A 12 13.15 -7.64 2.52
N GLY A 13 12.86 -6.59 3.27
CA GLY A 13 13.91 -5.88 4.00
C GLY A 13 14.39 -4.64 3.28
N GLY A 14 13.73 -4.32 2.16
CA GLY A 14 14.11 -3.14 1.40
C GLY A 14 13.63 -3.21 -0.04
N LYS A 15 13.36 -4.42 -0.51
CA LYS A 15 12.90 -4.62 -1.88
C LYS A 15 11.68 -3.75 -2.17
N ALA A 16 11.25 -3.73 -3.43
CA ALA A 16 10.09 -2.95 -3.84
C ALA A 16 8.81 -3.74 -3.66
N CYS A 17 7.91 -3.24 -2.82
CA CYS A 17 6.64 -3.89 -2.56
C CYS A 17 5.46 -2.97 -2.92
N ARG A 18 4.33 -3.58 -3.25
CA ARG A 18 3.14 -2.82 -3.61
C ARG A 18 1.95 -3.25 -2.75
N GLU A 19 1.89 -2.76 -1.53
CA GLU A 19 0.81 -3.09 -0.61
C GLU A 19 -0.35 -2.11 -0.77
N VAL A 20 -1.52 -2.64 -1.15
CA VAL A 20 -2.70 -1.81 -1.34
C VAL A 20 -3.47 -1.66 -0.03
N LYS A 21 -4.11 -0.50 0.14
CA LYS A 21 -4.88 -0.22 1.34
C LYS A 21 -6.19 0.49 1.00
N CYS A 22 -7.09 0.56 1.97
CA CYS A 22 -8.38 1.20 1.77
C CYS A 22 -8.79 2.00 3.01
N LYS A 23 -9.37 3.17 2.78
CA LYS A 23 -9.81 4.04 3.87
C LYS A 23 -11.09 4.77 3.49
N THR A 24 -11.90 5.09 4.50
CA THR A 24 -13.16 5.80 4.28
C THR A 24 -12.94 7.30 4.27
N ILE A 25 -13.61 7.99 3.35
CA ILE A 25 -13.50 9.44 3.24
C ILE A 25 -14.58 10.14 4.06
N ILE A 1 -18.20 6.56 -1.77
CA ILE A 1 -17.20 5.63 -2.29
C ILE A 1 -15.96 5.61 -1.40
N LYS A 2 -15.35 4.44 -1.27
CA LYS A 2 -14.15 4.29 -0.45
C LYS A 2 -12.91 4.64 -1.26
N SER A 3 -11.87 5.09 -0.56
CA SER A 3 -10.61 5.47 -1.21
C SER A 3 -9.53 4.43 -0.93
N CYS A 4 -8.94 3.89 -2.00
CA CYS A 4 -7.89 2.90 -1.88
C CYS A 4 -6.66 3.30 -2.68
N GLU A 5 -5.48 3.02 -2.13
CA GLU A 5 -4.23 3.35 -2.80
C GLU A 5 -3.11 2.41 -2.37
N THR A 6 -2.03 2.38 -3.15
CA THR A 6 -0.89 1.52 -2.85
C THR A 6 0.33 2.34 -2.46
N PHE A 7 1.20 1.75 -1.66
CA PHE A 7 2.41 2.42 -1.22
C PHE A 7 3.63 1.53 -1.38
N ILE A 8 4.82 2.12 -1.29
CA ILE A 8 6.07 1.37 -1.43
C ILE A 8 6.69 1.08 -0.07
N VAL A 9 6.86 -0.20 0.23
CA VAL A 9 7.46 -0.61 1.51
C VAL A 9 8.42 -1.77 1.32
N ALA A 10 9.29 -1.98 2.31
CA ALA A 10 10.25 -3.06 2.25
C ALA A 10 9.63 -4.38 2.69
N CYS A 11 9.06 -5.11 1.73
CA CYS A 11 8.42 -6.40 2.02
C CYS A 11 9.47 -7.45 2.36
N ASP A 12 10.67 -7.28 1.83
CA ASP A 12 11.76 -8.22 2.07
C ASP A 12 12.89 -7.55 2.85
N GLY A 13 12.62 -6.35 3.37
CA GLY A 13 13.62 -5.63 4.12
C GLY A 13 14.49 -4.75 3.25
N GLY A 14 14.40 -4.96 1.93
CA GLY A 14 15.20 -4.18 1.01
C GLY A 14 14.73 -4.33 -0.43
N LYS A 15 13.45 -4.66 -0.59
CA LYS A 15 12.88 -4.84 -1.93
C LYS A 15 11.76 -3.83 -2.18
N ALA A 16 11.10 -3.95 -3.33
CA ALA A 16 10.01 -3.06 -3.68
C ALA A 16 8.67 -3.77 -3.62
N CYS A 17 7.79 -3.30 -2.74
CA CYS A 17 6.47 -3.89 -2.57
C CYS A 17 5.37 -2.89 -2.90
N ARG A 18 4.22 -3.41 -3.32
CA ARG A 18 3.09 -2.56 -3.67
C ARG A 18 1.87 -2.90 -2.83
N GLU A 19 1.98 -2.72 -1.52
CA GLU A 19 0.87 -3.03 -0.60
C GLU A 19 -0.29 -2.07 -0.83
N VAL A 20 -1.50 -2.62 -0.86
CA VAL A 20 -2.70 -1.82 -1.06
C VAL A 20 -3.46 -1.62 0.25
N LYS A 21 -4.15 -0.48 0.35
CA LYS A 21 -4.92 -0.17 1.55
C LYS A 21 -6.20 0.58 1.19
N CYS A 22 -7.16 0.56 2.11
CA CYS A 22 -8.44 1.24 1.89
C CYS A 22 -8.86 2.01 3.13
N LYS A 23 -9.39 3.22 2.93
CA LYS A 23 -9.83 4.05 4.02
C LYS A 23 -11.15 4.76 3.67
N THR A 24 -12.01 4.91 4.67
CA THR A 24 -13.30 5.55 4.48
C THR A 24 -13.13 7.05 4.23
N ILE A 25 -14.07 7.64 3.50
CA ILE A 25 -14.03 9.07 3.20
C ILE A 25 -15.20 9.81 3.84
N ILE A 1 -18.17 7.17 -0.96
CA ILE A 1 -17.28 6.25 -1.67
C ILE A 1 -15.98 6.04 -0.90
N LYS A 2 -15.44 4.83 -0.97
CA LYS A 2 -14.20 4.51 -0.29
C LYS A 2 -12.99 4.73 -1.20
N SER A 3 -11.89 5.20 -0.63
CA SER A 3 -10.68 5.45 -1.39
C SER A 3 -9.63 4.38 -1.12
N CYS A 4 -8.88 4.00 -2.16
CA CYS A 4 -7.85 2.99 -2.03
C CYS A 4 -6.60 3.38 -2.82
N GLU A 5 -5.43 3.09 -2.26
CA GLU A 5 -4.17 3.41 -2.93
C GLU A 5 -3.07 2.45 -2.49
N THR A 6 -1.95 2.47 -3.20
CA THR A 6 -0.82 1.61 -2.89
C THR A 6 0.40 2.42 -2.44
N PHE A 7 1.25 1.80 -1.63
CA PHE A 7 2.44 2.47 -1.13
C PHE A 7 3.66 1.57 -1.27
N ILE A 8 4.84 2.18 -1.25
CA ILE A 8 6.09 1.43 -1.38
C ILE A 8 6.70 1.13 -0.01
N VAL A 9 6.88 -0.15 0.28
CA VAL A 9 7.46 -0.57 1.55
C VAL A 9 8.44 -1.73 1.36
N ALA A 10 9.29 -1.95 2.35
CA ALA A 10 10.27 -3.02 2.29
C ALA A 10 9.66 -4.36 2.70
N CYS A 11 9.10 -5.06 1.72
CA CYS A 11 8.47 -6.36 1.98
C CYS A 11 9.52 -7.41 2.33
N ASP A 12 10.72 -7.25 1.78
CA ASP A 12 11.82 -8.17 2.05
C ASP A 12 12.94 -7.49 2.81
N GLY A 13 12.70 -6.26 3.24
CA GLY A 13 13.71 -5.52 3.98
C GLY A 13 14.62 -4.73 3.07
N GLY A 14 14.56 -5.01 1.77
CA GLY A 14 15.39 -4.30 0.82
C GLY A 14 14.87 -4.43 -0.60
N LYS A 15 13.58 -4.70 -0.74
CA LYS A 15 12.97 -4.85 -2.05
C LYS A 15 11.86 -3.81 -2.25
N ALA A 16 11.20 -3.89 -3.40
CA ALA A 16 10.11 -2.95 -3.71
C ALA A 16 8.76 -3.66 -3.68
N CYS A 17 7.91 -3.23 -2.75
CA CYS A 17 6.58 -3.82 -2.61
C CYS A 17 5.49 -2.80 -2.93
N ARG A 18 4.33 -3.30 -3.37
CA ARG A 18 3.22 -2.43 -3.73
C ARG A 18 1.97 -2.81 -2.94
N GLU A 19 2.05 -2.66 -1.61
CA GLU A 19 0.92 -2.99 -0.74
C GLU A 19 -0.23 -2.01 -0.96
N VAL A 20 -1.45 -2.55 -1.01
CA VAL A 20 -2.64 -1.73 -1.21
C VAL A 20 -3.42 -1.58 0.08
N LYS A 21 -4.11 -0.45 0.23
CA LYS A 21 -4.90 -0.18 1.42
C LYS A 21 -6.19 0.57 1.05
N CYS A 22 -7.16 0.54 1.96
CA CYS A 22 -8.44 1.21 1.74
C CYS A 22 -8.88 1.96 3.00
N LYS A 23 -9.40 3.16 2.80
CA LYS A 23 -9.88 3.98 3.91
C LYS A 23 -11.23 4.59 3.60
N THR A 24 -12.03 4.82 4.64
CA THR A 24 -13.36 5.40 4.48
C THR A 24 -13.26 6.92 4.34
N ILE A 25 -14.14 7.49 3.52
CA ILE A 25 -14.17 8.93 3.29
C ILE A 25 -15.40 9.56 3.93
N ILE A 1 -18.64 5.65 -1.20
CA ILE A 1 -17.38 5.50 -1.92
C ILE A 1 -16.21 5.28 -0.97
N LYS A 2 -15.24 4.48 -1.40
CA LYS A 2 -14.07 4.19 -0.58
C LYS A 2 -12.79 4.55 -1.31
N SER A 3 -11.84 5.13 -0.58
CA SER A 3 -10.57 5.54 -1.16
C SER A 3 -9.51 4.47 -0.93
N CYS A 4 -8.85 4.04 -2.00
CA CYS A 4 -7.81 3.03 -1.92
C CYS A 4 -6.57 3.45 -2.70
N GLU A 5 -5.40 3.15 -2.15
CA GLU A 5 -4.14 3.51 -2.80
C GLU A 5 -3.02 2.58 -2.35
N THR A 6 -2.00 2.44 -3.19
CA THR A 6 -0.87 1.58 -2.88
C THR A 6 0.35 2.39 -2.48
N PHE A 7 1.22 1.80 -1.68
CA PHE A 7 2.42 2.47 -1.21
C PHE A 7 3.66 1.58 -1.39
N ILE A 8 4.84 2.18 -1.30
CA ILE A 8 6.08 1.44 -1.45
C ILE A 8 6.72 1.15 -0.10
N VAL A 9 6.91 -0.13 0.20
CA VAL A 9 7.50 -0.54 1.47
C VAL A 9 8.48 -1.70 1.26
N ALA A 10 9.34 -1.91 2.25
CA ALA A 10 10.32 -2.99 2.18
C ALA A 10 9.71 -4.32 2.60
N CYS A 11 9.14 -5.05 1.65
CA CYS A 11 8.51 -6.33 1.92
C CYS A 11 9.57 -7.39 2.25
N ASP A 12 10.77 -7.20 1.71
CA ASP A 12 11.86 -8.13 1.94
C ASP A 12 13.00 -7.46 2.71
N GLY A 13 12.75 -6.24 3.16
CA GLY A 13 13.76 -5.51 3.90
C GLY A 13 14.66 -4.70 3.00
N GLY A 14 14.60 -4.97 1.70
CA GLY A 14 15.43 -4.24 0.75
C GLY A 14 14.91 -4.37 -0.68
N LYS A 15 13.62 -4.64 -0.82
CA LYS A 15 13.01 -4.78 -2.13
C LYS A 15 11.89 -3.76 -2.32
N ALA A 16 11.21 -3.84 -3.46
CA ALA A 16 10.11 -2.93 -3.76
C ALA A 16 8.77 -3.65 -3.70
N CYS A 17 7.90 -3.20 -2.80
CA CYS A 17 6.59 -3.80 -2.64
C CYS A 17 5.49 -2.80 -2.98
N ARG A 18 4.33 -3.31 -3.39
CA ARG A 18 3.20 -2.46 -3.74
C ARG A 18 1.96 -2.83 -2.93
N GLU A 19 2.05 -2.65 -1.62
CA GLU A 19 0.94 -2.97 -0.73
C GLU A 19 -0.21 -1.99 -0.92
N VAL A 20 -1.43 -2.52 -0.97
CA VAL A 20 -2.62 -1.70 -1.15
C VAL A 20 -3.41 -1.56 0.15
N LYS A 21 -4.09 -0.44 0.31
CA LYS A 21 -4.89 -0.19 1.50
C LYS A 21 -6.15 0.59 1.16
N CYS A 22 -7.20 0.40 1.96
CA CYS A 22 -8.47 1.09 1.74
C CYS A 22 -8.93 1.78 3.02
N LYS A 23 -9.56 2.94 2.86
CA LYS A 23 -10.05 3.70 3.99
C LYS A 23 -11.34 4.45 3.63
N THR A 24 -12.11 4.81 4.64
CA THR A 24 -13.36 5.53 4.44
C THR A 24 -13.11 6.98 4.02
N ILE A 25 -14.08 7.57 3.33
CA ILE A 25 -13.96 8.94 2.88
C ILE A 25 -15.00 9.84 3.55
#